data_8WEO
#
_entry.id   8WEO
#
_cell.length_a   121.678
_cell.length_b   121.678
_cell.length_c   84.143
_cell.angle_alpha   90.00
_cell.angle_beta   90.00
_cell.angle_gamma   120.00
#
_symmetry.space_group_name_H-M   'P 65'
#
loop_
_entity.id
_entity.type
_entity.pdbx_description
1 polymer Fragilysin
2 polymer NB243
3 non-polymer 'ZINC ION'
4 water water
#
loop_
_entity_poly.entity_id
_entity_poly.type
_entity_poly.pdbx_seq_one_letter_code
_entity_poly.pdbx_strand_id
1 'polypeptide(L)'
;AVPSEPKTVYVICLRENGSTIYPNEVSAQMQDAANSVYAVHGLKRYVNFHFVLYTTEYSCPSGDAKEGLEGFTASLKSNP
KAEGYDDQIYFLIRWGTWDNKILGMSWFNSYNVNTASDFEASGMSTTQLMYPGVMAHELGHILGAEHTDNSKDLMYATFT
GYLSHLSEKNMDIIAKNLGWEAADGD
;
B,A
2 'polypeptide(L)'
;QVQLQESGGGLVQAGGSLRLSCVASGIIESINTFGWYRQAPGKQRELVADISRWGSTNYADSVRDRFTISRDNAKTTLYL
QMNSLKPEDTAVYYCHAETIGYESGAHDYWGQGTQVTVSSHHHHHH
;
C,D
#
loop_
_chem_comp.id
_chem_comp.type
_chem_comp.name
_chem_comp.formula
ZN non-polymer 'ZINC ION' 'Zn 2'
#
# COMPACT_ATOMS: atom_id res chain seq x y z
N ALA A 1 13.86 -41.76 12.16
CA ALA A 1 12.82 -41.11 12.95
C ALA A 1 13.25 -39.70 13.35
N VAL A 2 12.66 -39.22 14.43
CA VAL A 2 13.09 -37.95 15.04
C VAL A 2 14.49 -38.14 15.62
N PRO A 3 15.47 -37.30 15.28
CA PRO A 3 16.82 -37.48 15.81
C PRO A 3 16.86 -37.21 17.31
N SER A 4 17.94 -37.69 17.93
CA SER A 4 18.13 -37.50 19.37
C SER A 4 18.25 -36.04 19.73
N GLU A 5 18.75 -35.21 18.82
CA GLU A 5 18.83 -33.78 19.05
C GLU A 5 18.76 -33.09 17.69
N PRO A 6 18.21 -31.87 17.63
CA PRO A 6 18.22 -31.12 16.36
C PRO A 6 19.63 -30.84 15.91
N LYS A 7 19.85 -30.92 14.60
CA LYS A 7 21.18 -30.65 14.04
C LYS A 7 21.43 -29.15 13.99
N THR A 8 22.61 -28.72 14.45
CA THR A 8 23.00 -27.32 14.33
C THR A 8 23.51 -27.09 12.91
N VAL A 9 22.81 -26.25 12.15
CA VAL A 9 23.20 -25.92 10.79
C VAL A 9 23.36 -24.40 10.75
N TYR A 10 24.54 -23.93 10.36
CA TYR A 10 24.76 -22.50 10.25
C TYR A 10 24.32 -21.98 8.89
N VAL A 11 23.64 -20.83 8.89
CA VAL A 11 23.32 -20.12 7.66
C VAL A 11 24.11 -18.83 7.75
N ILE A 12 25.21 -18.78 7.01
CA ILE A 12 26.24 -17.77 7.17
C ILE A 12 26.01 -16.71 6.08
N CYS A 13 25.57 -15.53 6.50
CA CYS A 13 25.13 -14.48 5.57
C CYS A 13 26.21 -13.41 5.55
N LEU A 14 26.91 -13.28 4.43
CA LEU A 14 28.11 -12.46 4.31
C LEU A 14 27.78 -11.20 3.53
N ARG A 15 27.90 -10.03 4.18
CA ARG A 15 27.69 -8.77 3.49
C ARG A 15 28.76 -8.57 2.43
N GLU A 16 28.32 -8.36 1.18
CA GLU A 16 29.24 -8.17 0.07
C GLU A 16 30.13 -6.97 0.29
N ASN A 17 31.41 -7.12 -0.07
CA ASN A 17 32.34 -6.01 0.07
C ASN A 17 31.85 -4.81 -0.73
N GLY A 18 31.79 -3.65 -0.06
CA GLY A 18 31.34 -2.42 -0.68
C GLY A 18 29.86 -2.14 -0.55
N SER A 19 29.07 -3.12 -0.09
CA SER A 19 27.64 -2.90 0.05
C SER A 19 27.33 -2.29 1.41
N THR A 20 26.19 -1.61 1.49
CA THR A 20 25.69 -1.09 2.76
C THR A 20 24.34 -1.73 3.03
N ILE A 21 24.27 -2.49 4.11
CA ILE A 21 23.09 -3.25 4.53
C ILE A 21 22.48 -2.55 5.74
N TYR A 22 21.14 -2.61 5.86
CA TYR A 22 20.48 -2.01 7.00
C TYR A 22 19.90 -3.05 7.96
N PRO A 23 20.01 -2.83 9.28
CA PRO A 23 19.76 -3.93 10.22
C PRO A 23 18.36 -4.53 10.15
N ASN A 24 17.32 -3.70 10.11
CA ASN A 24 15.96 -4.23 10.05
C ASN A 24 15.71 -4.99 8.76
N GLU A 25 16.35 -4.57 7.68
CA GLU A 25 16.11 -5.19 6.37
C GLU A 25 16.72 -6.58 6.32
N VAL A 26 17.98 -6.73 6.76
CA VAL A 26 18.59 -8.06 6.75
C VAL A 26 17.94 -8.96 7.79
N SER A 27 17.56 -8.40 8.94
CA SER A 27 16.89 -9.21 9.94
CA SER A 27 16.88 -9.22 9.94
C SER A 27 15.59 -9.81 9.40
N ALA A 28 14.84 -9.02 8.62
CA ALA A 28 13.60 -9.54 8.05
C ALA A 28 13.88 -10.70 7.10
N GLN A 29 14.91 -10.60 6.27
CA GLN A 29 15.19 -11.70 5.34
C GLN A 29 15.56 -12.96 6.10
N MET A 30 16.43 -12.83 7.11
CA MET A 30 16.88 -14.01 7.84
C MET A 30 15.77 -14.63 8.66
N GLN A 31 14.91 -13.82 9.30
CA GLN A 31 13.83 -14.46 10.05
C GLN A 31 12.78 -15.06 9.12
N ASP A 32 12.47 -14.41 8.00
CA ASP A 32 11.55 -15.02 7.05
C ASP A 32 12.11 -16.33 6.51
N ALA A 33 13.42 -16.38 6.24
CA ALA A 33 14.02 -17.61 5.74
C ALA A 33 13.95 -18.72 6.78
N ALA A 34 14.33 -18.42 8.03
CA ALA A 34 14.28 -19.44 9.07
C ALA A 34 12.86 -19.94 9.26
N ASN A 35 11.90 -19.01 9.37
CA ASN A 35 10.53 -19.41 9.63
C ASN A 35 9.93 -20.19 8.48
N SER A 36 10.34 -19.89 7.24
CA SER A 36 9.78 -20.63 6.11
C SER A 36 10.10 -22.12 6.19
N VAL A 37 11.24 -22.46 6.79
CA VAL A 37 11.60 -23.87 6.94
C VAL A 37 11.01 -24.47 8.22
N TYR A 38 11.10 -23.76 9.35
CA TYR A 38 10.57 -24.32 10.59
C TYR A 38 9.08 -24.58 10.52
N ALA A 39 8.35 -23.82 9.70
CA ALA A 39 6.91 -24.00 9.57
C ALA A 39 6.53 -25.32 8.90
N VAL A 40 7.49 -26.01 8.29
CA VAL A 40 7.25 -27.20 7.49
C VAL A 40 7.54 -28.45 8.34
N HIS A 41 6.56 -29.35 8.41
CA HIS A 41 6.73 -30.70 8.98
C HIS A 41 7.41 -30.70 10.36
N GLY A 42 7.10 -29.71 11.18
CA GLY A 42 7.69 -29.65 12.53
C GLY A 42 9.20 -29.73 12.55
N LEU A 43 9.85 -29.00 11.64
CA LEU A 43 11.27 -29.24 11.38
C LEU A 43 12.19 -28.74 12.49
N LYS A 44 11.69 -28.00 13.48
CA LYS A 44 12.56 -27.63 14.61
C LYS A 44 13.04 -28.85 15.38
N ARG A 45 12.34 -29.99 15.26
CA ARG A 45 12.83 -31.22 15.87
C ARG A 45 14.12 -31.70 15.20
N TYR A 46 14.35 -31.33 13.94
CA TYR A 46 15.44 -31.87 13.13
C TYR A 46 16.62 -30.92 12.97
N VAL A 47 16.37 -29.61 12.97
CA VAL A 47 17.41 -28.62 12.69
CA VAL A 47 17.40 -28.62 12.67
C VAL A 47 17.14 -27.38 13.50
N ASN A 48 18.20 -26.79 14.04
CA ASN A 48 18.17 -25.46 14.63
C ASN A 48 19.17 -24.64 13.84
N PHE A 49 18.68 -23.66 13.08
CA PHE A 49 19.59 -22.84 12.27
C PHE A 49 20.25 -21.79 13.15
N HIS A 50 21.56 -21.62 13.01
CA HIS A 50 22.27 -20.44 13.51
C HIS A 50 22.53 -19.53 12.33
N PHE A 51 21.71 -18.51 12.19
CA PHE A 51 21.97 -17.49 11.20
C PHE A 51 23.08 -16.58 11.72
N VAL A 52 24.14 -16.46 10.93
CA VAL A 52 25.33 -15.70 11.30
C VAL A 52 25.46 -14.57 10.30
N LEU A 53 25.47 -13.33 10.78
CA LEU A 53 25.63 -12.17 9.91
C LEU A 53 27.05 -11.63 10.03
N TYR A 54 27.80 -11.68 8.93
CA TYR A 54 29.20 -11.30 8.93
C TYR A 54 29.50 -10.60 7.60
N THR A 55 30.77 -10.60 7.20
CA THR A 55 31.24 -9.84 6.05
C THR A 55 32.10 -10.74 5.17
N THR A 56 32.32 -10.29 3.93
CA THR A 56 33.32 -10.93 3.10
C THR A 56 34.05 -9.88 2.27
N GLU A 57 35.32 -10.20 1.95
CA GLU A 57 36.10 -9.36 1.04
C GLU A 57 35.66 -9.51 -0.40
N TYR A 58 34.90 -10.56 -0.69
CA TYR A 58 34.41 -10.80 -2.05
C TYR A 58 33.39 -9.76 -2.47
N SER A 59 33.50 -9.31 -3.70
CA SER A 59 32.42 -8.59 -4.36
C SER A 59 32.24 -9.15 -5.76
N CYS A 60 30.99 -9.13 -6.22
CA CYS A 60 30.70 -9.67 -7.54
C CYS A 60 31.43 -8.82 -8.57
N PRO A 61 32.03 -9.44 -9.59
CA PRO A 61 32.74 -8.62 -10.59
C PRO A 61 31.84 -7.65 -11.36
N SER A 62 30.57 -7.96 -11.53
CA SER A 62 29.64 -7.08 -12.25
C SER A 62 28.24 -7.32 -11.72
N GLY A 63 27.23 -6.88 -12.48
CA GLY A 63 25.86 -7.19 -12.12
C GLY A 63 25.40 -8.53 -12.63
N ASP A 64 26.26 -9.26 -13.33
CA ASP A 64 25.99 -10.60 -13.81
C ASP A 64 25.78 -11.54 -12.63
N ALA A 65 24.55 -12.05 -12.46
CA ALA A 65 24.22 -12.79 -11.24
C ALA A 65 24.86 -14.17 -11.24
N LYS A 66 24.88 -14.86 -12.39
CA LYS A 66 25.48 -16.19 -12.41
C LYS A 66 26.99 -16.13 -12.18
N GLU A 67 27.67 -15.20 -12.87
CA GLU A 67 29.07 -14.91 -12.60
C GLU A 67 29.30 -14.58 -11.13
N GLY A 68 28.40 -13.80 -10.54
CA GLY A 68 28.57 -13.40 -9.15
C GLY A 68 28.55 -14.58 -8.20
N LEU A 69 27.55 -15.46 -8.36
CA LEU A 69 27.46 -16.63 -7.49
C LEU A 69 28.60 -17.62 -7.73
N GLU A 70 28.98 -17.84 -8.99
CA GLU A 70 30.11 -18.73 -9.25
C GLU A 70 31.35 -18.23 -8.53
N GLY A 71 31.56 -16.92 -8.52
CA GLY A 71 32.71 -16.37 -7.83
C GLY A 71 32.57 -16.42 -6.33
N PHE A 72 31.36 -16.17 -5.81
CA PHE A 72 31.16 -16.21 -4.37
C PHE A 72 31.42 -17.61 -3.81
N THR A 73 30.84 -18.63 -4.43
CA THR A 73 31.04 -19.99 -3.92
C THR A 73 32.51 -20.38 -3.94
N ALA A 74 33.22 -20.00 -5.02
CA ALA A 74 34.66 -20.21 -5.07
C ALA A 74 35.38 -19.50 -3.94
N SER A 75 35.00 -18.24 -3.66
CA SER A 75 35.71 -17.47 -2.63
C SER A 75 35.60 -18.15 -1.27
N LEU A 76 34.50 -18.87 -1.02
CA LEU A 76 34.35 -19.55 0.26
C LEU A 76 35.41 -20.63 0.45
N LYS A 77 35.86 -21.25 -0.64
CA LYS A 77 36.72 -22.43 -0.52
C LYS A 77 38.10 -22.08 0.00
N SER A 78 38.50 -20.81 -0.06
CA SER A 78 39.77 -20.39 0.51
C SER A 78 39.61 -19.25 1.51
N ASN A 79 38.38 -19.04 2.00
CA ASN A 79 38.09 -18.07 3.04
C ASN A 79 38.46 -18.69 4.39
N PRO A 80 39.49 -18.18 5.07
CA PRO A 80 39.92 -18.83 6.32
C PRO A 80 38.85 -18.82 7.40
N LYS A 81 37.92 -17.86 7.38
CA LYS A 81 36.83 -17.83 8.36
C LYS A 81 35.86 -18.98 8.16
N ALA A 82 35.77 -19.54 6.95
CA ALA A 82 34.83 -20.62 6.66
C ALA A 82 35.47 -22.00 6.72
N GLU A 83 36.78 -22.07 6.96
CA GLU A 83 37.47 -23.35 7.02
C GLU A 83 36.84 -24.27 8.08
N GLY A 84 36.57 -25.50 7.69
CA GLY A 84 35.91 -26.45 8.55
C GLY A 84 34.39 -26.39 8.51
N TYR A 85 33.82 -25.51 7.69
CA TYR A 85 32.38 -25.32 7.63
C TYR A 85 31.88 -25.45 6.19
N ASP A 86 32.53 -26.29 5.38
CA ASP A 86 32.13 -26.49 3.99
C ASP A 86 30.79 -27.18 3.89
N ASP A 87 30.25 -27.69 5.01
CA ASP A 87 28.98 -28.39 5.07
C ASP A 87 27.84 -27.52 5.56
N GLN A 88 28.05 -26.21 5.65
CA GLN A 88 27.01 -25.28 6.08
C GLN A 88 26.39 -24.58 4.85
N ILE A 89 25.50 -23.62 5.12
CA ILE A 89 24.76 -22.89 4.09
C ILE A 89 25.23 -21.44 4.09
N TYR A 90 25.42 -20.87 2.90
CA TYR A 90 26.03 -19.55 2.75
C TYR A 90 25.23 -18.66 1.82
N PHE A 91 25.05 -17.40 2.21
CA PHE A 91 24.44 -16.39 1.35
C PHE A 91 25.35 -15.19 1.24
N LEU A 92 25.57 -14.72 0.01
CA LEU A 92 26.11 -13.38 -0.21
C LEU A 92 24.94 -12.41 -0.23
N ILE A 93 25.00 -11.36 0.59
CA ILE A 93 23.90 -10.41 0.69
C ILE A 93 24.36 -9.01 0.32
N ARG A 94 23.47 -8.27 -0.35
CA ARG A 94 23.69 -6.90 -0.73
C ARG A 94 22.38 -6.16 -0.54
N TRP A 95 22.45 -4.83 -0.63
CA TRP A 95 21.24 -4.03 -0.57
C TRP A 95 20.43 -4.13 -1.86
N GLY A 96 21.07 -3.87 -2.99
CA GLY A 96 20.37 -3.79 -4.26
C GLY A 96 20.13 -5.14 -4.91
N THR A 97 19.87 -5.09 -6.21
CA THR A 97 19.63 -6.28 -7.01
C THR A 97 20.83 -6.51 -7.93
N TRP A 98 20.74 -7.54 -8.76
CA TRP A 98 21.68 -7.77 -9.84
C TRP A 98 21.06 -7.27 -11.14
N ASP A 99 21.74 -7.51 -12.25
CA ASP A 99 21.31 -6.99 -13.55
C ASP A 99 19.87 -7.43 -13.86
N ASN A 100 19.11 -6.51 -14.47
CA ASN A 100 17.69 -6.73 -14.80
C ASN A 100 16.84 -7.00 -13.55
N LYS A 101 17.26 -6.46 -12.41
CA LYS A 101 16.58 -6.64 -11.11
C LYS A 101 16.39 -8.12 -10.74
N ILE A 102 17.38 -8.95 -11.07
CA ILE A 102 17.49 -10.24 -10.39
C ILE A 102 17.62 -10.05 -8.89
N LEU A 103 16.77 -10.76 -8.13
CA LEU A 103 16.70 -10.57 -6.68
C LEU A 103 17.62 -11.50 -5.92
N GLY A 104 17.90 -12.68 -6.45
CA GLY A 104 18.75 -13.63 -5.76
C GLY A 104 19.10 -14.78 -6.67
N MET A 105 20.00 -15.63 -6.18
CA MET A 105 20.40 -16.83 -6.88
C MET A 105 20.72 -17.92 -5.88
N SER A 106 20.78 -19.15 -6.37
CA SER A 106 21.07 -20.30 -5.52
C SER A 106 21.53 -21.47 -6.38
N TRP A 107 22.29 -22.36 -5.77
CA TRP A 107 22.58 -23.65 -6.39
C TRP A 107 21.47 -24.61 -5.98
N PHE A 108 20.74 -25.11 -6.97
CA PHE A 108 19.56 -25.90 -6.69
C PHE A 108 19.91 -27.27 -6.11
N ASN A 109 19.14 -27.67 -5.08
CA ASN A 109 19.24 -28.99 -4.47
C ASN A 109 20.67 -29.29 -4.06
N SER A 110 21.25 -28.35 -3.28
CA SER A 110 22.66 -28.39 -2.94
C SER A 110 22.90 -28.65 -1.47
N TYR A 111 21.85 -28.72 -0.65
CA TYR A 111 22.00 -29.06 0.76
C TYR A 111 21.21 -30.31 1.10
N ASN A 112 21.89 -31.28 1.70
CA ASN A 112 21.29 -32.44 2.35
C ASN A 112 22.09 -32.68 3.62
N VAL A 113 21.41 -33.01 4.73
CA VAL A 113 22.09 -33.05 6.01
C VAL A 113 23.21 -34.09 6.02
N ASN A 114 23.11 -35.10 5.16
CA ASN A 114 24.06 -36.20 5.15
C ASN A 114 25.23 -36.00 4.21
N THR A 115 25.05 -35.22 3.14
CA THR A 115 26.05 -35.12 2.10
C THR A 115 26.62 -33.72 1.92
N ALA A 116 26.17 -32.73 2.70
CA ALA A 116 26.60 -31.35 2.51
C ALA A 116 28.13 -31.25 2.58
N SER A 117 28.72 -30.53 1.64
CA SER A 117 30.16 -30.43 1.53
C SER A 117 30.53 -29.39 0.49
N ASP A 118 31.79 -28.97 0.52
CA ASP A 118 32.44 -28.22 -0.55
C ASP A 118 31.77 -26.88 -0.83
N PHE A 119 31.10 -26.32 0.19
CA PHE A 119 30.40 -25.03 0.09
C PHE A 119 29.38 -25.00 -1.05
N GLU A 120 28.87 -26.16 -1.46
CA GLU A 120 27.91 -26.23 -2.55
C GLU A 120 26.58 -25.57 -2.20
N ALA A 121 26.21 -25.57 -0.91
CA ALA A 121 24.92 -25.03 -0.48
C ALA A 121 25.07 -23.52 -0.29
N SER A 122 25.07 -22.80 -1.41
CA SER A 122 25.29 -21.37 -1.37
C SER A 122 24.41 -20.62 -2.37
N GLY A 123 24.20 -19.35 -2.06
CA GLY A 123 23.39 -18.51 -2.91
C GLY A 123 23.63 -17.05 -2.61
N MET A 124 22.80 -16.20 -3.20
CA MET A 124 22.84 -14.76 -2.97
C MET A 124 21.44 -14.18 -2.84
N SER A 125 21.35 -13.07 -2.10
CA SER A 125 20.05 -12.45 -1.89
C SER A 125 20.15 -10.95 -1.70
N THR A 126 19.23 -10.21 -2.32
CA THR A 126 18.98 -8.83 -1.95
C THR A 126 18.44 -8.76 -0.53
N THR A 127 18.51 -7.58 0.06
CA THR A 127 17.91 -7.35 1.38
C THR A 127 16.97 -6.16 1.40
N GLN A 128 16.68 -5.54 0.26
CA GLN A 128 15.79 -4.38 0.28
C GLN A 128 14.43 -4.76 0.84
N LEU A 129 13.84 -3.83 1.61
CA LEU A 129 12.63 -4.17 2.33
C LEU A 129 11.47 -4.46 1.39
N MET A 130 11.49 -3.87 0.19
CA MET A 130 10.40 -4.09 -0.76
C MET A 130 10.40 -5.48 -1.37
N TYR A 131 11.39 -6.34 -1.09
CA TYR A 131 11.40 -7.71 -1.61
C TYR A 131 11.43 -8.72 -0.47
N PRO A 132 10.39 -8.77 0.36
CA PRO A 132 10.39 -9.74 1.46
C PRO A 132 10.40 -11.17 0.92
N GLY A 133 11.15 -12.03 1.60
CA GLY A 133 11.08 -13.43 1.29
C GLY A 133 12.06 -13.93 0.23
N VAL A 134 12.93 -13.07 -0.30
CA VAL A 134 13.87 -13.53 -1.33
C VAL A 134 14.83 -14.57 -0.76
N MET A 135 15.44 -14.30 0.41
CA MET A 135 16.35 -15.28 0.99
C MET A 135 15.61 -16.58 1.27
N ALA A 136 14.37 -16.49 1.74
CA ALA A 136 13.56 -17.69 2.00
C ALA A 136 13.34 -18.49 0.72
N HIS A 137 13.03 -17.81 -0.40
CA HIS A 137 12.85 -18.49 -1.68
C HIS A 137 14.15 -19.17 -2.13
N GLU A 138 15.28 -18.46 -2.03
CA GLU A 138 16.56 -19.05 -2.45
C GLU A 138 16.95 -20.21 -1.54
N LEU A 139 16.69 -20.09 -0.23
CA LEU A 139 16.94 -21.22 0.68
C LEU A 139 16.07 -22.41 0.32
N GLY A 140 14.82 -22.16 -0.08
CA GLY A 140 13.98 -23.24 -0.59
C GLY A 140 14.64 -23.99 -1.74
N HIS A 141 15.15 -23.26 -2.72
CA HIS A 141 15.84 -23.89 -3.84
C HIS A 141 17.05 -24.71 -3.38
N ILE A 142 17.84 -24.15 -2.46
CA ILE A 142 19.01 -24.85 -1.94
C ILE A 142 18.60 -26.19 -1.33
N LEU A 143 17.47 -26.21 -0.63
CA LEU A 143 16.92 -27.41 0.01
C LEU A 143 16.13 -28.28 -0.95
N GLY A 144 16.08 -27.97 -2.25
CA GLY A 144 15.51 -28.84 -3.25
C GLY A 144 14.13 -28.46 -3.74
N ALA A 145 13.57 -27.34 -3.26
CA ALA A 145 12.25 -26.94 -3.71
C ALA A 145 12.30 -26.39 -5.13
N GLU A 146 11.28 -26.72 -5.90
CA GLU A 146 11.14 -26.27 -7.28
C GLU A 146 10.02 -25.24 -7.39
N HIS A 147 9.98 -24.57 -8.54
CA HIS A 147 8.93 -23.59 -8.77
C HIS A 147 7.57 -24.28 -8.80
N THR A 148 6.56 -23.56 -8.33
CA THR A 148 5.21 -24.07 -8.17
C THR A 148 4.25 -23.40 -9.15
N ASP A 149 3.17 -24.10 -9.44
CA ASP A 149 2.12 -23.48 -10.25
C ASP A 149 1.31 -22.45 -9.46
N ASN A 150 1.25 -22.62 -8.14
CA ASN A 150 0.45 -21.77 -7.27
C ASN A 150 1.16 -20.43 -7.06
N SER A 151 0.55 -19.35 -7.54
CA SER A 151 1.15 -18.02 -7.45
C SER A 151 1.10 -17.44 -6.04
N LYS A 152 0.48 -18.11 -5.07
CA LYS A 152 0.51 -17.62 -3.70
C LYS A 152 1.55 -18.34 -2.86
N ASP A 153 2.33 -19.23 -3.48
CA ASP A 153 3.40 -19.97 -2.83
C ASP A 153 4.67 -19.12 -2.81
N LEU A 154 5.43 -19.25 -1.72
CA LEU A 154 6.79 -18.69 -1.68
C LEU A 154 7.60 -19.09 -2.92
N MET A 155 7.41 -20.31 -3.42
CA MET A 155 8.25 -20.79 -4.51
C MET A 155 7.63 -20.62 -5.89
N TYR A 156 6.63 -19.77 -6.03
CA TYR A 156 6.25 -19.31 -7.37
C TYR A 156 7.49 -18.68 -8.03
N ALA A 157 7.63 -18.87 -9.34
CA ALA A 157 8.84 -18.39 -10.00
C ALA A 157 8.91 -16.87 -9.95
N THR A 158 7.77 -16.21 -9.98
CA THR A 158 7.70 -14.76 -9.92
C THR A 158 7.55 -14.28 -8.49
N PHE A 159 8.31 -13.25 -8.14
CA PHE A 159 8.18 -12.62 -6.82
C PHE A 159 6.77 -12.08 -6.64
N THR A 160 6.14 -12.51 -5.54
CA THR A 160 4.78 -12.09 -5.17
C THR A 160 4.71 -11.47 -3.79
N GLY A 161 5.77 -11.57 -3.00
CA GLY A 161 5.72 -11.11 -1.63
C GLY A 161 5.28 -12.15 -0.61
N TYR A 162 4.86 -13.33 -1.06
CA TYR A 162 4.40 -14.36 -0.13
C TYR A 162 5.60 -15.06 0.52
N LEU A 163 5.36 -15.62 1.71
CA LEU A 163 6.47 -16.06 2.56
C LEU A 163 6.43 -17.51 2.98
N SER A 164 5.45 -18.30 2.55
CA SER A 164 5.27 -19.64 3.08
C SER A 164 5.23 -20.69 1.97
N HIS A 165 5.86 -21.83 2.23
CA HIS A 165 5.71 -22.99 1.36
C HIS A 165 4.30 -23.53 1.45
N LEU A 166 3.70 -23.79 0.29
CA LEU A 166 2.36 -24.35 0.20
C LEU A 166 2.33 -25.68 -0.53
N SER A 167 3.35 -25.97 -1.33
CA SER A 167 3.40 -27.17 -2.15
C SER A 167 3.78 -28.38 -1.30
N GLU A 168 2.90 -29.39 -1.26
CA GLU A 168 3.20 -30.61 -0.53
C GLU A 168 4.46 -31.29 -1.06
N LYS A 169 4.66 -31.27 -2.38
CA LYS A 169 5.87 -31.84 -2.97
C LYS A 169 7.12 -31.16 -2.43
N ASN A 170 7.12 -29.82 -2.43
CA ASN A 170 8.29 -29.10 -1.94
C ASN A 170 8.50 -29.30 -0.46
N MET A 171 7.43 -29.29 0.33
CA MET A 171 7.58 -29.48 1.77
C MET A 171 8.19 -30.84 2.08
N ASP A 172 7.74 -31.89 1.36
CA ASP A 172 8.32 -33.21 1.56
C ASP A 172 9.79 -33.24 1.16
N ILE A 173 10.16 -32.58 0.05
CA ILE A 173 11.55 -32.59 -0.38
C ILE A 173 12.42 -31.86 0.63
N ILE A 174 12.01 -30.66 1.04
CA ILE A 174 12.80 -29.87 1.99
C ILE A 174 13.01 -30.65 3.28
N ALA A 175 11.93 -31.21 3.82
CA ALA A 175 12.02 -31.91 5.09
C ALA A 175 12.85 -33.18 4.97
N LYS A 176 12.72 -33.90 3.85
CA LYS A 176 13.57 -35.08 3.65
C LYS A 176 15.04 -34.71 3.63
N ASN A 177 15.39 -33.57 3.05
CA ASN A 177 16.78 -33.18 2.98
C ASN A 177 17.31 -32.73 4.35
N LEU A 178 16.42 -32.56 5.33
CA LEU A 178 16.81 -32.20 6.69
C LEU A 178 16.63 -33.37 7.67
N GLY A 179 16.32 -34.56 7.17
CA GLY A 179 16.30 -35.75 8.01
C GLY A 179 14.93 -36.30 8.31
N TRP A 180 13.86 -35.64 7.86
CA TRP A 180 12.49 -36.02 8.17
C TRP A 180 12.03 -37.19 7.31
N GLU A 181 11.11 -37.98 7.87
CA GLU A 181 10.44 -39.07 7.18
C GLU A 181 8.95 -38.99 7.47
N ALA A 182 8.15 -39.48 6.52
CA ALA A 182 6.69 -39.36 6.64
C ALA A 182 6.16 -39.99 7.93
N ALA A 183 6.73 -41.12 8.33
CA ALA A 183 6.28 -41.79 9.54
C ALA A 183 6.48 -40.96 10.80
N ASP A 184 7.27 -39.89 10.74
CA ASP A 184 7.54 -39.08 11.93
C ASP A 184 6.42 -38.12 12.26
N GLY A 185 5.49 -37.88 11.34
CA GLY A 185 4.46 -36.89 11.59
C GLY A 185 5.02 -35.48 11.60
N ASP A 186 4.20 -34.55 12.09
CA ASP A 186 4.61 -33.16 12.23
C ASP A 186 4.80 -32.79 13.70
N GLN B 1 1.71 -13.93 -18.28
CA GLN B 1 0.79 -14.32 -17.20
C GLN B 1 -0.17 -13.21 -16.77
N VAL B 2 -0.01 -12.00 -17.32
CA VAL B 2 -1.05 -10.98 -17.19
C VAL B 2 -1.34 -10.43 -18.58
N GLN B 3 -2.55 -9.91 -18.75
CA GLN B 3 -2.98 -9.23 -19.95
C GLN B 3 -3.53 -7.85 -19.58
N LEU B 4 -3.17 -6.84 -20.35
CA LEU B 4 -3.49 -5.46 -20.04
C LEU B 4 -4.31 -4.85 -21.17
N GLN B 5 -5.29 -4.03 -20.81
CA GLN B 5 -6.12 -3.35 -21.80
C GLN B 5 -6.46 -1.96 -21.29
N GLU B 6 -6.08 -0.94 -22.06
CA GLU B 6 -6.31 0.42 -21.58
C GLU B 6 -7.21 1.19 -22.53
N SER B 7 -7.79 2.27 -22.00
CA SER B 7 -8.77 3.06 -22.72
C SER B 7 -8.80 4.46 -22.12
N GLY B 8 -9.48 5.36 -22.81
CA GLY B 8 -9.72 6.70 -22.30
C GLY B 8 -9.05 7.81 -23.09
N GLY B 9 -8.23 7.50 -24.07
CA GLY B 9 -7.58 8.53 -24.88
C GLY B 9 -8.59 9.32 -25.68
N GLY B 10 -8.12 10.44 -26.20
CA GLY B 10 -8.92 11.25 -27.09
C GLY B 10 -8.19 12.54 -27.40
N LEU B 11 -8.88 13.40 -28.11
CA LEU B 11 -8.37 14.73 -28.43
C LEU B 11 -9.04 15.73 -27.50
N VAL B 12 -8.23 16.58 -26.86
CA VAL B 12 -8.74 17.61 -25.96
C VAL B 12 -8.00 18.89 -26.25
N GLN B 13 -8.57 20.00 -25.78
CA GLN B 13 -7.92 21.29 -25.94
C GLN B 13 -7.01 21.56 -24.73
N ALA B 14 -6.04 22.43 -24.95
CA ALA B 14 -5.16 22.87 -23.87
C ALA B 14 -5.97 23.26 -22.63
N GLY B 15 -5.47 22.83 -21.48
CA GLY B 15 -6.14 23.03 -20.21
C GLY B 15 -7.13 21.95 -19.87
N GLY B 16 -7.41 21.04 -20.79
CA GLY B 16 -8.42 20.02 -20.60
C GLY B 16 -7.95 18.88 -19.71
N SER B 17 -8.87 17.95 -19.50
CA SER B 17 -8.63 16.75 -18.71
C SER B 17 -8.98 15.50 -19.50
N LEU B 18 -8.31 14.41 -19.15
CA LEU B 18 -8.65 13.08 -19.64
C LEU B 18 -8.40 12.11 -18.51
N ARG B 19 -9.15 11.01 -18.48
CA ARG B 19 -8.98 9.97 -17.47
C ARG B 19 -8.73 8.63 -18.17
N LEU B 20 -7.52 8.10 -18.02
CA LEU B 20 -7.19 6.83 -18.62
C LEU B 20 -7.43 5.71 -17.61
N SER B 21 -7.80 4.54 -18.14
CA SER B 21 -8.09 3.35 -17.34
C SER B 21 -7.35 2.18 -17.95
N CYS B 22 -6.77 1.33 -17.10
CA CYS B 22 -6.17 0.08 -17.55
C CYS B 22 -6.66 -1.07 -16.69
N VAL B 23 -7.14 -2.13 -17.33
CA VAL B 23 -7.59 -3.32 -16.62
C VAL B 23 -6.60 -4.46 -16.87
N ALA B 24 -6.15 -5.07 -15.77
CA ALA B 24 -5.29 -6.25 -15.81
C ALA B 24 -6.12 -7.49 -15.53
N SER B 25 -5.89 -8.55 -16.29
CA SER B 25 -6.40 -9.86 -15.97
C SER B 25 -5.25 -10.85 -15.86
N GLY B 26 -5.49 -11.93 -15.15
CA GLY B 26 -4.45 -12.95 -14.98
C GLY B 26 -3.94 -13.06 -13.57
N ILE B 27 -2.62 -13.25 -13.42
CA ILE B 27 -2.01 -13.47 -12.11
C ILE B 27 -1.67 -12.09 -11.55
N ILE B 28 -2.63 -11.49 -10.87
CA ILE B 28 -2.51 -10.09 -10.46
C ILE B 28 -1.36 -9.89 -9.49
N GLU B 29 -1.14 -10.84 -8.58
CA GLU B 29 -0.08 -10.71 -7.60
C GLU B 29 1.31 -10.74 -8.23
N SER B 30 1.44 -11.16 -9.49
CA SER B 30 2.74 -11.06 -10.16
C SER B 30 3.12 -9.63 -10.52
N ILE B 31 2.18 -8.68 -10.48
CA ILE B 31 2.46 -7.30 -10.87
C ILE B 31 3.22 -6.61 -9.74
N ASN B 32 4.51 -6.33 -9.98
CA ASN B 32 5.33 -5.61 -9.01
C ASN B 32 5.21 -4.11 -9.14
N THR B 33 5.13 -3.60 -10.36
CA THR B 33 4.97 -2.17 -10.60
C THR B 33 3.93 -2.05 -11.71
N PHE B 34 2.92 -1.22 -11.51
CA PHE B 34 1.79 -1.04 -12.43
C PHE B 34 1.86 0.42 -12.86
N GLY B 35 1.92 0.68 -14.17
CA GLY B 35 2.21 2.07 -14.52
C GLY B 35 1.81 2.49 -15.91
N TRP B 36 2.17 3.73 -16.23
CA TRP B 36 1.82 4.39 -17.48
C TRP B 36 3.08 4.97 -18.11
N TYR B 37 3.28 4.67 -19.40
CA TYR B 37 4.37 5.19 -20.21
C TYR B 37 3.76 5.93 -21.40
N ARG B 38 4.55 6.79 -22.05
CA ARG B 38 4.04 7.46 -23.24
C ARG B 38 5.15 7.61 -24.27
N GLN B 39 4.74 7.66 -25.55
CA GLN B 39 5.68 7.85 -26.65
C GLN B 39 5.09 8.81 -27.67
N ALA B 40 5.78 9.91 -27.90
CA ALA B 40 5.38 10.93 -28.86
C ALA B 40 6.24 10.82 -30.11
N PRO B 41 5.77 11.32 -31.27
CA PRO B 41 6.52 11.13 -32.51
C PRO B 41 7.93 11.67 -32.42
N GLY B 42 8.89 10.81 -32.78
CA GLY B 42 10.28 11.20 -32.79
C GLY B 42 10.99 11.11 -31.47
N LYS B 43 10.27 10.79 -30.40
CA LYS B 43 10.82 10.78 -29.05
C LYS B 43 10.89 9.35 -28.52
N GLN B 44 11.73 9.18 -27.49
CA GLN B 44 11.81 7.91 -26.81
C GLN B 44 10.65 7.75 -25.84
N ARG B 45 10.21 6.51 -25.67
CA ARG B 45 9.21 6.18 -24.67
C ARG B 45 9.69 6.59 -23.29
N GLU B 46 8.78 7.08 -22.45
CA GLU B 46 9.15 7.61 -21.15
C GLU B 46 8.09 7.27 -20.11
N LEU B 47 8.57 7.06 -18.88
CA LEU B 47 7.67 6.85 -17.74
C LEU B 47 6.83 8.10 -17.50
N VAL B 48 5.54 7.91 -17.29
CA VAL B 48 4.65 8.97 -16.86
C VAL B 48 4.37 8.88 -15.37
N ALA B 49 3.93 7.72 -14.90
CA ALA B 49 3.59 7.53 -13.50
C ALA B 49 3.48 6.04 -13.26
N ASP B 50 3.89 5.58 -12.07
CA ASP B 50 3.68 4.19 -11.74
C ASP B 50 3.40 4.03 -10.24
N ILE B 51 3.00 2.82 -9.85
CA ILE B 51 2.68 2.50 -8.47
C ILE B 51 3.20 1.08 -8.19
N SER B 52 3.89 0.93 -7.06
CA SER B 52 4.42 -0.37 -6.66
C SER B 52 3.35 -1.22 -6.00
N ARG B 53 3.66 -2.52 -5.84
CA ARG B 53 2.72 -3.40 -5.14
C ARG B 53 2.48 -2.93 -3.71
N TRP B 54 3.40 -2.15 -3.14
CA TRP B 54 3.25 -1.65 -1.77
C TRP B 54 2.64 -0.27 -1.73
N GLY B 55 2.27 0.30 -2.88
CA GLY B 55 1.53 1.55 -2.90
C GLY B 55 2.35 2.80 -3.13
N SER B 56 3.67 2.66 -3.34
CA SER B 56 4.55 3.79 -3.57
C SER B 56 4.46 4.28 -5.01
N THR B 57 4.27 5.58 -5.20
CA THR B 57 4.11 6.12 -6.54
C THR B 57 5.35 6.89 -6.98
N ASN B 58 5.53 6.98 -8.31
CA ASN B 58 6.53 7.80 -8.96
C ASN B 58 5.86 8.55 -10.09
N TYR B 59 6.25 9.80 -10.30
CA TYR B 59 5.77 10.63 -11.40
C TYR B 59 6.96 11.22 -12.13
N ALA B 60 6.83 11.35 -13.45
CA ALA B 60 7.76 12.21 -14.17
C ALA B 60 7.66 13.64 -13.67
N ASP B 61 8.81 14.33 -13.61
CA ASP B 61 8.80 15.71 -13.12
C ASP B 61 7.83 16.58 -13.90
N SER B 62 7.71 16.35 -15.20
CA SER B 62 6.90 17.21 -16.06
C SER B 62 5.40 17.02 -15.89
N VAL B 63 4.96 15.96 -15.20
CA VAL B 63 3.54 15.74 -14.96
C VAL B 63 3.16 15.75 -13.49
N ARG B 64 4.13 15.77 -12.56
CA ARG B 64 3.80 15.82 -11.15
C ARG B 64 2.87 17.00 -10.86
N ASP B 65 1.86 16.76 -10.04
CA ASP B 65 0.87 17.75 -9.62
C ASP B 65 -0.09 18.17 -10.73
N ARG B 66 0.03 17.64 -11.95
CA ARG B 66 -1.04 17.73 -12.93
C ARG B 66 -1.72 16.39 -13.15
N PHE B 67 -0.98 15.30 -13.02
CA PHE B 67 -1.48 13.95 -13.19
C PHE B 67 -1.51 13.23 -11.85
N THR B 68 -2.48 12.32 -11.68
CA THR B 68 -2.56 11.47 -10.49
C THR B 68 -2.82 10.04 -10.89
N ILE B 69 -2.06 9.11 -10.31
CA ILE B 69 -2.25 7.69 -10.56
C ILE B 69 -2.98 7.09 -9.36
N SER B 70 -3.81 6.09 -9.62
CA SER B 70 -4.49 5.40 -8.53
C SER B 70 -4.80 3.97 -8.98
N ARG B 71 -5.06 3.11 -8.00
CA ARG B 71 -5.32 1.70 -8.26
C ARG B 71 -6.52 1.30 -7.41
N ASP B 72 -7.47 0.58 -8.00
CA ASP B 72 -8.69 0.32 -7.24
C ASP B 72 -8.45 -0.75 -6.17
N ASN B 73 -9.44 -0.90 -5.27
CA ASN B 73 -9.32 -1.83 -4.16
C ASN B 73 -8.99 -3.24 -4.65
N ALA B 74 -9.67 -3.70 -5.71
CA ALA B 74 -9.49 -5.02 -6.28
C ALA B 74 -8.11 -5.25 -6.87
N LYS B 75 -7.32 -4.19 -7.07
CA LYS B 75 -5.97 -4.19 -7.63
C LYS B 75 -5.95 -4.47 -9.14
N THR B 76 -7.09 -4.66 -9.80
CA THR B 76 -7.07 -4.96 -11.22
C THR B 76 -7.12 -3.73 -12.10
N THR B 77 -7.53 -2.57 -11.60
CA THR B 77 -7.72 -1.41 -12.44
C THR B 77 -6.83 -0.26 -12.02
N LEU B 78 -6.11 0.28 -13.00
CA LEU B 78 -5.20 1.39 -12.82
C LEU B 78 -5.77 2.61 -13.53
N TYR B 79 -5.73 3.77 -12.86
CA TYR B 79 -6.25 5.02 -13.41
C TYR B 79 -5.14 6.05 -13.56
N LEU B 80 -5.25 6.89 -14.58
CA LEU B 80 -4.39 8.07 -14.70
C LEU B 80 -5.31 9.26 -14.93
N GLN B 81 -5.42 10.12 -13.93
CA GLN B 81 -6.18 11.36 -14.09
C GLN B 81 -5.22 12.42 -14.60
N MET B 82 -5.48 12.94 -15.79
CA MET B 82 -4.61 13.91 -16.45
C MET B 82 -5.34 15.25 -16.50
N ASN B 83 -4.90 16.21 -15.68
CA ASN B 83 -5.48 17.55 -15.68
C ASN B 83 -4.52 18.56 -16.30
N SER B 84 -5.07 19.73 -16.62
CA SER B 84 -4.27 20.87 -17.09
C SER B 84 -3.37 20.47 -18.26
N LEU B 85 -3.95 19.80 -19.25
CA LEU B 85 -3.15 19.21 -20.32
C LEU B 85 -2.51 20.26 -21.22
N LYS B 86 -1.36 19.89 -21.78
CA LYS B 86 -0.53 20.72 -22.65
C LYS B 86 -0.18 19.98 -23.92
N PRO B 87 0.12 20.70 -25.01
CA PRO B 87 0.57 20.02 -26.24
C PRO B 87 1.74 19.06 -26.02
N GLU B 88 2.61 19.38 -25.06
CA GLU B 88 3.73 18.49 -24.77
CA GLU B 88 3.73 18.49 -24.77
C GLU B 88 3.29 17.14 -24.23
N ASP B 89 2.02 16.98 -23.87
CA ASP B 89 1.48 15.72 -23.40
C ASP B 89 0.91 14.86 -24.52
N THR B 90 0.84 15.38 -25.75
CA THR B 90 0.42 14.54 -26.87
C THR B 90 1.35 13.34 -26.99
N ALA B 91 0.78 12.14 -27.06
CA ALA B 91 1.55 10.90 -27.17
C ALA B 91 0.59 9.72 -27.21
N VAL B 92 1.12 8.56 -27.60
CA VAL B 92 0.45 7.30 -27.33
C VAL B 92 0.78 6.91 -25.89
N TYR B 93 -0.25 6.68 -25.07
CA TYR B 93 -0.04 6.28 -23.68
C TYR B 93 -0.25 4.78 -23.54
N TYR B 94 0.73 4.11 -22.92
CA TYR B 94 0.70 2.66 -22.74
C TYR B 94 0.59 2.29 -21.27
N CYS B 95 -0.35 1.41 -20.96
CA CYS B 95 -0.34 0.74 -19.67
C CYS B 95 0.80 -0.27 -19.65
N HIS B 96 1.36 -0.48 -18.46
CA HIS B 96 2.55 -1.31 -18.30
C HIS B 96 2.49 -2.06 -16.99
N ALA B 97 2.97 -3.30 -16.99
CA ALA B 97 3.17 -4.04 -15.75
C ALA B 97 4.56 -4.67 -15.77
N GLU B 98 5.28 -4.51 -14.68
CA GLU B 98 6.56 -5.18 -14.47
C GLU B 98 6.34 -6.37 -13.56
N THR B 99 6.79 -7.55 -13.98
CA THR B 99 6.90 -8.69 -13.08
C THR B 99 8.39 -8.94 -12.83
N ILE B 100 8.72 -9.50 -11.68
CA ILE B 100 10.11 -9.81 -11.36
C ILE B 100 10.24 -11.27 -10.94
N GLY B 101 11.03 -12.03 -11.67
CA GLY B 101 11.36 -13.39 -11.24
C GLY B 101 12.51 -13.33 -10.24
N TYR B 102 12.43 -14.17 -9.19
CA TYR B 102 13.46 -14.14 -8.16
C TYR B 102 14.86 -14.28 -8.77
N GLU B 103 15.04 -15.26 -9.67
CA GLU B 103 16.33 -15.49 -10.32
C GLU B 103 16.42 -14.90 -11.72
N SER B 104 15.30 -14.55 -12.36
CA SER B 104 15.34 -14.12 -13.75
C SER B 104 15.19 -12.61 -13.93
N GLY B 105 14.72 -11.89 -12.91
CA GLY B 105 14.56 -10.45 -13.01
C GLY B 105 13.30 -10.01 -13.72
N ALA B 106 13.36 -8.77 -14.22
CA ALA B 106 12.18 -8.06 -14.70
C ALA B 106 11.72 -8.54 -16.07
N HIS B 107 10.40 -8.57 -16.23
CA HIS B 107 9.73 -8.84 -17.49
C HIS B 107 8.65 -7.76 -17.68
N ASP B 108 8.48 -7.29 -18.91
CA ASP B 108 7.57 -6.19 -19.21
C ASP B 108 6.32 -6.71 -19.90
N TYR B 109 5.16 -6.28 -19.41
CA TYR B 109 3.90 -6.48 -20.12
C TYR B 109 3.32 -5.12 -20.49
N TRP B 110 2.73 -5.03 -21.67
CA TRP B 110 2.23 -3.77 -22.20
C TRP B 110 0.79 -3.88 -22.64
N GLY B 111 0.06 -2.78 -22.50
CA GLY B 111 -1.20 -2.60 -23.19
C GLY B 111 -0.97 -2.29 -24.65
N GLN B 112 -2.05 -1.90 -25.33
CA GLN B 112 -1.97 -1.64 -26.76
C GLN B 112 -1.70 -0.19 -27.09
N GLY B 113 -1.79 0.70 -26.09
CA GLY B 113 -1.62 2.11 -26.36
C GLY B 113 -2.94 2.80 -26.63
N THR B 114 -3.13 3.98 -26.03
CA THR B 114 -4.27 4.82 -26.35
C THR B 114 -3.77 6.21 -26.72
N GLN B 115 -4.22 6.74 -27.85
CA GLN B 115 -3.75 8.03 -28.35
C GLN B 115 -4.33 9.19 -27.55
N VAL B 116 -3.46 10.10 -27.13
CA VAL B 116 -3.83 11.36 -26.49
C VAL B 116 -3.30 12.49 -27.35
N THR B 117 -4.19 13.40 -27.73
CA THR B 117 -3.82 14.57 -28.53
C THR B 117 -4.30 15.81 -27.81
N VAL B 118 -3.39 16.74 -27.53
CA VAL B 118 -3.73 17.98 -26.86
C VAL B 118 -3.46 19.13 -27.83
N SER B 119 -4.53 19.78 -28.29
CA SER B 119 -4.41 20.86 -29.25
C SER B 119 -4.22 22.20 -28.54
N SER B 120 -3.41 23.08 -29.13
CA SER B 120 -3.43 24.48 -28.75
C SER B 120 -3.63 25.30 -30.01
N HIS B 121 -3.94 26.58 -29.86
CA HIS B 121 -4.35 27.38 -31.00
C HIS B 121 -3.14 27.72 -31.86
N HIS B 122 -3.27 27.53 -33.17
CA HIS B 122 -2.29 27.97 -34.15
C HIS B 122 -2.85 29.15 -34.90
N HIS B 123 -2.34 30.34 -34.57
CA HIS B 123 -2.78 31.52 -35.29
C HIS B 123 -2.06 31.56 -36.63
N HIS B 124 -2.80 31.92 -37.67
CA HIS B 124 -2.22 31.96 -39.01
C HIS B 124 -2.70 33.20 -39.75
N HIS B 125 -2.05 33.50 -40.87
CA HIS B 125 -2.37 34.68 -41.64
C HIS B 125 -3.51 34.43 -42.61
N HIS B 126 -4.15 35.53 -43.01
CA HIS B 126 -5.11 35.55 -44.09
C HIS B 126 -4.83 36.78 -44.94
N ALA C 1 -42.79 -6.89 12.50
CA ALA C 1 -42.14 -8.05 11.92
C ALA C 1 -41.46 -7.68 10.61
N VAL C 2 -41.10 -8.68 9.83
CA VAL C 2 -40.63 -8.45 8.47
C VAL C 2 -41.76 -7.84 7.66
N PRO C 3 -41.57 -6.72 6.98
CA PRO C 3 -42.68 -6.12 6.21
C PRO C 3 -43.08 -7.02 5.07
N SER C 4 -44.28 -6.79 4.57
CA SER C 4 -44.75 -7.58 3.43
C SER C 4 -43.91 -7.33 2.17
N GLU C 5 -43.25 -6.18 2.09
CA GLU C 5 -42.30 -5.91 1.01
C GLU C 5 -41.25 -4.93 1.53
N PRO C 6 -40.02 -4.99 1.02
CA PRO C 6 -39.00 -4.03 1.48
C PRO C 6 -39.39 -2.62 1.10
N LYS C 7 -39.09 -1.67 1.98
CA LYS C 7 -39.38 -0.27 1.72
C LYS C 7 -38.36 0.32 0.76
N THR C 8 -38.84 1.03 -0.26
CA THR C 8 -37.95 1.77 -1.16
C THR C 8 -37.54 3.07 -0.49
N VAL C 9 -36.23 3.22 -0.27
CA VAL C 9 -35.67 4.45 0.30
C VAL C 9 -34.60 4.95 -0.65
N TYR C 10 -34.73 6.20 -1.08
CA TYR C 10 -33.76 6.79 -1.99
C TYR C 10 -32.64 7.42 -1.18
N VAL C 11 -31.41 7.19 -1.63
CA VAL C 11 -30.24 7.87 -1.08
C VAL C 11 -29.73 8.72 -2.24
N ILE C 12 -30.01 10.01 -2.16
CA ILE C 12 -29.86 10.92 -3.29
C ILE C 12 -28.54 11.65 -3.11
N CYS C 13 -27.57 11.31 -3.95
CA CYS C 13 -26.20 11.82 -3.83
C CYS C 13 -26.00 12.90 -4.89
N LEU C 14 -25.80 14.13 -4.41
CA LEU C 14 -25.81 15.32 -5.25
C LEU C 14 -24.40 15.88 -5.38
N ARG C 15 -23.86 15.86 -6.60
CA ARG C 15 -22.57 16.48 -6.87
C ARG C 15 -22.63 17.98 -6.60
N GLU C 16 -21.75 18.44 -5.71
CA GLU C 16 -21.68 19.86 -5.38
C GLU C 16 -21.35 20.69 -6.61
N ASN C 17 -22.03 21.83 -6.73
CA ASN C 17 -21.77 22.73 -7.86
C ASN C 17 -20.29 23.09 -7.90
N GLY C 18 -19.67 22.89 -9.07
CA GLY C 18 -18.27 23.23 -9.25
C GLY C 18 -17.28 22.14 -8.92
N SER C 19 -17.74 21.03 -8.35
CA SER C 19 -16.86 19.91 -8.03
C SER C 19 -16.75 18.97 -9.22
N THR C 20 -15.62 18.26 -9.28
CA THR C 20 -15.41 17.21 -10.28
C THR C 20 -15.29 15.87 -9.55
N ILE C 21 -16.18 14.94 -9.86
CA ILE C 21 -16.30 13.64 -9.22
C ILE C 21 -15.92 12.56 -10.23
N TYR C 22 -15.25 11.49 -9.77
CA TYR C 22 -14.88 10.42 -10.69
C TYR C 22 -15.72 9.17 -10.49
N PRO C 23 -16.11 8.48 -11.57
CA PRO C 23 -17.16 7.45 -11.45
C PRO C 23 -16.81 6.29 -10.54
N ASN C 24 -15.60 5.75 -10.62
CA ASN C 24 -15.24 4.64 -9.74
C ASN C 24 -15.18 5.08 -8.28
N GLU C 25 -14.79 6.33 -8.02
CA GLU C 25 -14.64 6.81 -6.65
C GLU C 25 -16.00 6.98 -5.99
N VAL C 26 -16.94 7.62 -6.68
CA VAL C 26 -18.28 7.76 -6.10
C VAL C 26 -18.99 6.41 -6.02
N SER C 27 -18.78 5.52 -7.00
CA SER C 27 -19.40 4.20 -6.92
CA SER C 27 -19.39 4.20 -6.93
C SER C 27 -18.92 3.44 -5.70
N ALA C 28 -17.62 3.53 -5.39
CA ALA C 28 -17.10 2.85 -4.21
C ALA C 28 -17.78 3.36 -2.94
N GLN C 29 -17.97 4.69 -2.83
CA GLN C 29 -18.61 5.22 -1.62
C GLN C 29 -20.04 4.72 -1.48
N MET C 30 -20.81 4.75 -2.58
CA MET C 30 -22.21 4.34 -2.44
C MET C 30 -22.35 2.85 -2.25
N GLN C 31 -21.50 2.03 -2.89
CA GLN C 31 -21.56 0.60 -2.65
C GLN C 31 -21.15 0.27 -1.22
N ASP C 32 -20.08 0.88 -0.72
CA ASP C 32 -19.68 0.63 0.66
C ASP C 32 -20.75 1.08 1.64
N ALA C 33 -21.43 2.19 1.34
CA ALA C 33 -22.52 2.67 2.19
C ALA C 33 -23.68 1.68 2.21
N ALA C 34 -24.15 1.26 1.03
CA ALA C 34 -25.26 0.31 0.97
C ALA C 34 -24.91 -0.98 1.68
N ASN C 35 -23.73 -1.53 1.38
CA ASN C 35 -23.37 -2.82 1.96
C ASN C 35 -23.21 -2.72 3.47
N SER C 36 -22.76 -1.56 3.98
CA SER C 36 -22.58 -1.44 5.43
C SER C 36 -23.90 -1.62 6.17
N VAL C 37 -25.02 -1.28 5.54
CA VAL C 37 -26.33 -1.42 6.17
C VAL C 37 -26.92 -2.79 5.85
N TYR C 38 -26.82 -3.25 4.59
CA TYR C 38 -27.39 -4.56 4.28
C TYR C 38 -26.74 -5.69 5.07
N ALA C 39 -25.46 -5.53 5.46
CA ALA C 39 -24.77 -6.55 6.22
C ALA C 39 -25.32 -6.73 7.64
N VAL C 40 -26.13 -5.79 8.09
CA VAL C 40 -26.66 -5.78 9.45
C VAL C 40 -28.06 -6.38 9.47
N HIS C 41 -28.24 -7.40 10.31
CA HIS C 41 -29.56 -7.94 10.67
C HIS C 41 -30.43 -8.26 9.46
N GLY C 42 -29.82 -8.76 8.39
CA GLY C 42 -30.54 -9.11 7.19
C GLY C 42 -31.46 -8.01 6.69
N LEU C 43 -30.96 -6.77 6.66
CA LEU C 43 -31.84 -5.63 6.47
C LEU C 43 -32.37 -5.50 5.04
N LYS C 44 -31.88 -6.28 4.06
CA LYS C 44 -32.49 -6.28 2.73
C LYS C 44 -33.95 -6.69 2.75
N ARG C 45 -34.39 -7.41 3.79
CA ARG C 45 -35.81 -7.72 3.94
C ARG C 45 -36.64 -6.49 4.23
N TYR C 46 -36.03 -5.45 4.80
CA TYR C 46 -36.76 -4.27 5.27
C TYR C 46 -36.64 -3.07 4.37
N VAL C 47 -35.51 -2.91 3.70
CA VAL C 47 -35.25 -1.73 2.89
CA VAL C 47 -35.23 -1.72 2.90
C VAL C 47 -34.47 -2.13 1.65
N ASN C 48 -34.81 -1.51 0.52
CA ASN C 48 -34.02 -1.61 -0.70
C ASN C 48 -33.65 -0.17 -1.05
N PHE C 49 -32.39 0.17 -0.79
CA PHE C 49 -31.94 1.53 -1.09
C PHE C 49 -31.83 1.72 -2.58
N HIS C 50 -32.28 2.87 -3.03
CA HIS C 50 -32.14 3.31 -4.40
C HIS C 50 -31.14 4.48 -4.38
N PHE C 51 -29.86 4.16 -4.56
CA PHE C 51 -28.83 5.21 -4.63
C PHE C 51 -28.92 5.91 -5.98
N VAL C 52 -29.12 7.23 -5.93
CA VAL C 52 -29.31 8.06 -7.12
C VAL C 52 -28.18 9.08 -7.17
N LEU C 53 -27.55 9.21 -8.33
CA LEU C 53 -26.47 10.17 -8.47
C LEU C 53 -26.95 11.28 -9.40
N TYR C 54 -26.94 12.50 -8.87
CA TYR C 54 -27.40 13.66 -9.61
C TYR C 54 -26.52 14.83 -9.26
N THR C 55 -26.95 16.03 -9.61
CA THR C 55 -26.18 17.24 -9.39
C THR C 55 -27.01 18.24 -8.61
N THR C 56 -26.32 19.23 -8.03
CA THR C 56 -27.02 20.35 -7.44
C THR C 56 -26.30 21.64 -7.77
N GLU C 57 -27.08 22.73 -7.87
CA GLU C 57 -26.52 24.06 -8.01
C GLU C 57 -26.02 24.63 -6.69
N TYR C 58 -26.28 23.95 -5.58
CA TYR C 58 -25.75 24.38 -4.28
C TYR C 58 -24.26 24.12 -4.20
N SER C 59 -23.55 25.05 -3.59
CA SER C 59 -22.18 24.83 -3.16
C SER C 59 -21.99 25.44 -1.76
N CYS C 60 -21.09 24.83 -0.99
CA CYS C 60 -20.86 25.30 0.37
C CYS C 60 -20.32 26.73 0.34
N PRO C 61 -20.82 27.64 1.19
CA PRO C 61 -20.31 29.03 1.13
C PRO C 61 -18.83 29.16 1.49
N SER C 62 -18.26 28.22 2.25
CA SER C 62 -16.85 28.27 2.60
C SER C 62 -16.34 26.85 2.84
N GLY C 63 -15.16 26.74 3.44
CA GLY C 63 -14.66 25.43 3.86
C GLY C 63 -15.20 24.93 5.19
N ASP C 64 -16.01 25.74 5.86
CA ASP C 64 -16.66 25.41 7.13
C ASP C 64 -17.66 24.28 6.92
N ALA C 65 -17.38 23.10 7.49
CA ALA C 65 -18.23 21.94 7.19
C ALA C 65 -19.63 22.07 7.78
N LYS C 66 -19.74 22.57 9.03
CA LYS C 66 -21.06 22.68 9.65
C LYS C 66 -21.93 23.69 8.90
N GLU C 67 -21.35 24.85 8.58
CA GLU C 67 -22.04 25.84 7.75
C GLU C 67 -22.45 25.23 6.41
N GLY C 68 -21.56 24.43 5.82
CA GLY C 68 -21.86 23.82 4.54
C GLY C 68 -23.03 22.87 4.60
N LEU C 69 -23.07 22.01 5.64
CA LEU C 69 -24.21 21.11 5.82
C LEU C 69 -25.49 21.89 6.09
N GLU C 70 -25.43 22.88 6.99
CA GLU C 70 -26.60 23.69 7.26
C GLU C 70 -27.14 24.29 5.97
N GLY C 71 -26.25 24.82 5.13
CA GLY C 71 -26.69 25.38 3.87
C GLY C 71 -27.28 24.35 2.92
N PHE C 72 -26.69 23.15 2.91
CA PHE C 72 -27.18 22.11 2.00
C PHE C 72 -28.60 21.69 2.37
N THR C 73 -28.83 21.42 3.67
CA THR C 73 -30.17 21.05 4.11
C THR C 73 -31.18 22.14 3.77
N ALA C 74 -30.80 23.41 4.00
CA ALA C 74 -31.69 24.51 3.63
C ALA C 74 -31.94 24.55 2.12
N SER C 75 -30.92 24.25 1.31
CA SER C 75 -31.12 24.31 -0.14
C SER C 75 -32.10 23.24 -0.60
N LEU C 76 -32.14 22.10 0.08
CA LEU C 76 -33.09 21.06 -0.30
C LEU C 76 -34.53 21.51 -0.08
N LYS C 77 -34.77 22.30 0.98
CA LYS C 77 -36.13 22.69 1.31
C LYS C 77 -36.72 23.66 0.30
N SER C 78 -35.88 24.45 -0.36
CA SER C 78 -36.39 25.40 -1.33
C SER C 78 -36.21 24.89 -2.76
N ASN C 79 -35.78 23.64 -2.91
CA ASN C 79 -35.50 23.09 -4.22
C ASN C 79 -36.76 22.43 -4.77
N PRO C 80 -37.32 22.92 -5.87
CA PRO C 80 -38.54 22.28 -6.41
C PRO C 80 -38.31 20.88 -6.97
N LYS C 81 -37.09 20.53 -7.37
CA LYS C 81 -36.82 19.16 -7.83
C LYS C 81 -36.98 18.14 -6.72
N ALA C 82 -36.83 18.56 -5.47
CA ALA C 82 -36.89 17.65 -4.33
C ALA C 82 -38.25 17.65 -3.64
N GLU C 83 -39.21 18.42 -4.15
CA GLU C 83 -40.53 18.47 -3.53
C GLU C 83 -41.18 17.10 -3.55
N GLY C 84 -41.76 16.71 -2.41
CA GLY C 84 -42.34 15.40 -2.23
C GLY C 84 -41.38 14.33 -1.77
N TYR C 85 -40.11 14.66 -1.56
CA TYR C 85 -39.11 13.67 -1.17
C TYR C 85 -38.36 14.10 0.09
N ASP C 86 -39.02 14.88 0.94
CA ASP C 86 -38.40 15.33 2.20
C ASP C 86 -38.17 14.18 3.17
N ASP C 87 -38.69 13.00 2.87
CA ASP C 87 -38.53 11.80 3.71
C ASP C 87 -37.45 10.85 3.21
N GLN C 88 -36.62 11.28 2.26
CA GLN C 88 -35.50 10.46 1.79
C GLN C 88 -34.19 10.90 2.42
N ILE C 89 -33.10 10.24 2.03
CA ILE C 89 -31.77 10.49 2.57
C ILE C 89 -30.95 11.20 1.50
N TYR C 90 -30.21 12.25 1.91
CA TYR C 90 -29.49 13.10 0.95
C TYR C 90 -28.04 13.27 1.36
N PHE C 91 -27.14 13.18 0.38
CA PHE C 91 -25.72 13.47 0.58
C PHE C 91 -25.25 14.51 -0.43
N LEU C 92 -24.58 15.54 0.05
CA LEU C 92 -23.79 16.40 -0.82
C LEU C 92 -22.40 15.80 -0.96
N ILE C 93 -21.95 15.60 -2.20
CA ILE C 93 -20.67 14.92 -2.41
C ILE C 93 -19.72 15.83 -3.19
N ARG C 94 -18.44 15.73 -2.84
CA ARG C 94 -17.37 16.48 -3.51
C ARG C 94 -16.16 15.56 -3.61
N TRP C 95 -15.15 16.03 -4.36
CA TRP C 95 -13.92 15.25 -4.44
C TRP C 95 -13.06 15.48 -3.20
N GLY C 96 -12.89 16.73 -2.80
CA GLY C 96 -11.98 17.10 -1.73
C GLY C 96 -12.60 16.95 -0.35
N THR C 97 -11.96 17.59 0.62
CA THR C 97 -12.40 17.60 2.00
C THR C 97 -12.88 19.00 2.36
N TRP C 98 -13.27 19.19 3.62
CA TRP C 98 -13.57 20.52 4.15
C TRP C 98 -12.38 21.00 4.98
N ASP C 99 -12.52 22.16 5.62
CA ASP C 99 -11.42 22.75 6.39
C ASP C 99 -10.85 21.76 7.40
N ASN C 100 -9.54 21.80 7.58
CA ASN C 100 -8.80 20.89 8.48
C ASN C 100 -8.99 19.42 8.08
N LYS C 101 -9.25 19.15 6.80
CA LYS C 101 -9.46 17.80 6.27
C LYS C 101 -10.58 17.03 6.98
N ILE C 102 -11.65 17.74 7.34
CA ILE C 102 -12.91 17.07 7.62
C ILE C 102 -13.39 16.30 6.40
N LEU C 103 -13.75 15.03 6.60
CA LEU C 103 -14.10 14.13 5.52
C LEU C 103 -15.58 14.12 5.20
N GLY C 104 -16.43 14.37 6.18
CA GLY C 104 -17.88 14.35 5.95
C GLY C 104 -18.59 14.89 7.17
N MET C 105 -19.92 15.03 7.02
CA MET C 105 -20.76 15.54 8.09
C MET C 105 -22.13 14.87 7.97
N SER C 106 -22.90 14.91 9.06
CA SER C 106 -24.24 14.34 9.03
C SER C 106 -25.04 14.90 10.20
N TRP C 107 -26.36 14.91 10.03
CA TRP C 107 -27.25 15.15 11.15
C TRP C 107 -27.50 13.82 11.87
N PHE C 108 -27.13 13.77 13.15
CA PHE C 108 -27.14 12.52 13.90
C PHE C 108 -28.56 12.03 14.17
N ASN C 109 -28.77 10.72 13.96
CA ASN C 109 -30.03 10.03 14.29
C ASN C 109 -31.22 10.75 13.67
N SER C 110 -31.13 10.97 12.36
CA SER C 110 -32.08 11.82 11.64
C SER C 110 -32.96 11.06 10.67
N TYR C 111 -32.74 9.75 10.49
CA TYR C 111 -33.59 8.94 9.63
C TYR C 111 -34.22 7.83 10.44
N ASN C 112 -35.54 7.76 10.37
CA ASN C 112 -36.34 6.65 10.83
C ASN C 112 -37.42 6.39 9.79
N VAL C 113 -37.70 5.12 9.47
CA VAL C 113 -38.61 4.82 8.36
C VAL C 113 -40.01 5.37 8.62
N ASN C 114 -40.36 5.59 9.89
CA ASN C 114 -41.70 6.01 10.28
C ASN C 114 -41.87 7.52 10.34
N THR C 115 -40.79 8.24 10.58
CA THR C 115 -40.88 9.66 10.90
C THR C 115 -40.06 10.58 10.00
N ALA C 116 -39.33 10.02 9.03
CA ALA C 116 -38.45 10.83 8.19
C ALA C 116 -39.21 11.99 7.56
N SER C 117 -38.61 13.19 7.62
CA SER C 117 -39.30 14.38 7.13
C SER C 117 -38.35 15.57 7.08
N ASP C 118 -38.78 16.59 6.34
CA ASP C 118 -38.16 17.91 6.30
C ASP C 118 -36.68 17.87 5.95
N PHE C 119 -36.29 16.90 5.12
CA PHE C 119 -34.90 16.76 4.66
C PHE C 119 -33.92 16.66 5.82
N GLU C 120 -34.40 16.16 6.97
CA GLU C 120 -33.54 16.06 8.14
C GLU C 120 -32.43 15.04 7.96
N ALA C 121 -32.68 13.99 7.18
CA ALA C 121 -31.70 12.91 6.97
C ALA C 121 -30.74 13.32 5.85
N SER C 122 -29.85 14.24 6.18
CA SER C 122 -28.93 14.78 5.19
C SER C 122 -27.52 14.87 5.75
N GLY C 123 -26.55 14.77 4.86
CA GLY C 123 -25.15 14.82 5.24
C GLY C 123 -24.28 15.15 4.04
N MET C 124 -22.96 15.08 4.25
CA MET C 124 -22.02 15.36 3.17
C MET C 124 -20.87 14.38 3.26
N SER C 125 -20.22 14.13 2.11
CA SER C 125 -19.14 13.16 2.10
C SER C 125 -18.13 13.49 1.00
N THR C 126 -16.84 13.41 1.34
CA THR C 126 -15.82 13.30 0.31
C THR C 126 -16.02 12.01 -0.50
N THR C 127 -15.40 11.99 -1.69
CA THR C 127 -15.39 10.78 -2.50
C THR C 127 -14.00 10.36 -2.95
N GLN C 128 -12.93 11.03 -2.53
CA GLN C 128 -11.66 10.59 -3.09
C GLN C 128 -11.28 9.22 -2.57
N LEU C 129 -10.55 8.48 -3.40
CA LEU C 129 -10.43 7.04 -3.20
C LEU C 129 -9.64 6.70 -1.93
N MET C 130 -8.78 7.59 -1.47
CA MET C 130 -7.97 7.31 -0.29
C MET C 130 -8.78 7.39 1.02
N TYR C 131 -10.06 7.74 0.96
CA TYR C 131 -10.93 7.77 2.15
C TYR C 131 -12.13 6.85 1.98
N PRO C 132 -11.90 5.54 1.81
CA PRO C 132 -13.04 4.62 1.67
C PRO C 132 -13.89 4.60 2.94
N GLY C 133 -15.20 4.48 2.73
CA GLY C 133 -16.11 4.29 3.84
C GLY C 133 -16.65 5.55 4.49
N VAL C 134 -16.27 6.74 4.00
CA VAL C 134 -16.75 7.95 4.67
C VAL C 134 -18.25 8.06 4.55
N MET C 135 -18.80 7.84 3.34
CA MET C 135 -20.26 7.97 3.20
C MET C 135 -20.95 6.92 4.06
N ALA C 136 -20.36 5.72 4.17
CA ALA C 136 -20.91 4.67 5.03
C ALA C 136 -20.91 5.09 6.50
N HIS C 137 -19.84 5.75 6.95
CA HIS C 137 -19.76 6.24 8.32
C HIS C 137 -20.83 7.30 8.57
N GLU C 138 -20.98 8.25 7.64
CA GLU C 138 -21.96 9.31 7.81
C GLU C 138 -23.38 8.76 7.76
N LEU C 139 -23.63 7.80 6.87
CA LEU C 139 -24.93 7.14 6.84
C LEU C 139 -25.20 6.42 8.16
N GLY C 140 -24.16 5.80 8.73
CA GLY C 140 -24.30 5.21 10.06
C GLY C 140 -24.79 6.21 11.09
N HIS C 141 -24.16 7.39 11.12
CA HIS C 141 -24.60 8.45 12.04
C HIS C 141 -26.05 8.84 11.78
N ILE C 142 -26.41 9.03 10.50
CA ILE C 142 -27.77 9.40 10.13
C ILE C 142 -28.78 8.40 10.68
N LEU C 143 -28.43 7.10 10.63
CA LEU C 143 -29.26 6.03 11.15
C LEU C 143 -29.11 5.80 12.65
N GLY C 144 -28.36 6.63 13.35
CA GLY C 144 -28.32 6.59 14.81
C GLY C 144 -27.07 5.99 15.42
N ALA C 145 -26.12 5.52 14.62
CA ALA C 145 -24.93 4.88 15.17
C ALA C 145 -24.02 5.93 15.79
N GLU C 146 -23.42 5.57 16.92
CA GLU C 146 -22.51 6.45 17.66
C GLU C 146 -21.08 5.95 17.52
N HIS C 147 -20.16 6.81 17.94
CA HIS C 147 -18.77 6.44 17.91
C HIS C 147 -18.50 5.30 18.88
N THR C 148 -17.55 4.44 18.51
CA THR C 148 -17.28 3.20 19.23
C THR C 148 -15.89 3.23 19.85
N ASP C 149 -15.73 2.40 20.89
CA ASP C 149 -14.40 2.19 21.45
C ASP C 149 -13.50 1.41 20.51
N ASN C 150 -14.08 0.48 19.75
CA ASN C 150 -13.33 -0.39 18.86
C ASN C 150 -12.80 0.37 17.65
N SER C 151 -11.46 0.42 17.53
CA SER C 151 -10.81 1.17 16.46
C SER C 151 -10.82 0.45 15.12
N LYS C 152 -11.30 -0.79 15.07
CA LYS C 152 -11.51 -1.47 13.80
C LYS C 152 -12.95 -1.38 13.31
N ASP C 153 -13.80 -0.64 14.02
CA ASP C 153 -15.19 -0.44 13.60
C ASP C 153 -15.28 0.71 12.60
N LEU C 154 -16.17 0.55 11.60
CA LEU C 154 -16.54 1.65 10.72
C LEU C 154 -16.82 2.94 11.50
N MET C 155 -17.48 2.83 12.65
CA MET C 155 -17.91 3.97 13.46
C MET C 155 -16.90 4.43 14.50
N TYR C 156 -15.64 4.04 14.39
CA TYR C 156 -14.63 4.67 15.22
C TYR C 156 -14.59 6.16 14.88
N ALA C 157 -14.35 7.01 15.87
CA ALA C 157 -14.34 8.45 15.62
C ALA C 157 -13.27 8.85 14.62
N THR C 158 -12.13 8.16 14.64
CA THR C 158 -11.03 8.43 13.73
C THR C 158 -11.14 7.55 12.49
N PHE C 159 -10.91 8.15 11.33
CA PHE C 159 -10.88 7.39 10.08
C PHE C 159 -9.77 6.34 10.15
N THR C 160 -10.15 5.08 9.90
CA THR C 160 -9.21 3.98 9.86
C THR C 160 -9.27 3.18 8.57
N GLY C 161 -10.21 3.48 7.67
CA GLY C 161 -10.37 2.76 6.43
C GLY C 161 -11.24 1.52 6.52
N TYR C 162 -11.72 1.16 7.71
CA TYR C 162 -12.58 -0.01 7.85
C TYR C 162 -13.99 0.29 7.36
N LEU C 163 -14.72 -0.77 7.01
CA LEU C 163 -15.98 -0.56 6.28
C LEU C 163 -17.21 -1.20 6.90
N SER C 164 -17.11 -1.86 8.05
CA SER C 164 -18.21 -2.65 8.58
C SER C 164 -18.55 -2.24 10.01
N HIS C 165 -19.85 -2.23 10.32
CA HIS C 165 -20.30 -2.07 11.70
C HIS C 165 -19.94 -3.32 12.51
N LEU C 166 -19.32 -3.09 13.67
CA LEU C 166 -18.97 -4.17 14.58
C LEU C 166 -19.73 -4.09 15.89
N SER C 167 -20.21 -2.90 16.27
CA SER C 167 -20.86 -2.68 17.54
C SER C 167 -22.28 -3.24 17.52
N GLU C 168 -22.56 -4.16 18.44
CA GLU C 168 -23.91 -4.69 18.59
C GLU C 168 -24.92 -3.58 18.87
N LYS C 169 -24.56 -2.64 19.76
CA LYS C 169 -25.42 -1.50 20.07
C LYS C 169 -25.79 -0.73 18.81
N ASN C 170 -24.78 -0.35 18.02
CA ASN C 170 -25.06 0.40 16.80
C ASN C 170 -25.90 -0.41 15.82
N MET C 171 -25.60 -1.70 15.69
CA MET C 171 -26.33 -2.52 14.73
C MET C 171 -27.80 -2.60 15.09
N ASP C 172 -28.11 -2.71 16.38
CA ASP C 172 -29.50 -2.74 16.80
C ASP C 172 -30.19 -1.40 16.57
N ILE C 173 -29.49 -0.29 16.84
CA ILE C 173 -30.09 1.02 16.61
C ILE C 173 -30.38 1.23 15.13
N ILE C 174 -29.40 0.92 14.27
CA ILE C 174 -29.60 1.14 12.83
C ILE C 174 -30.77 0.31 12.32
N ALA C 175 -30.80 -0.96 12.71
CA ALA C 175 -31.85 -1.84 12.20
C ALA C 175 -33.21 -1.44 12.73
N LYS C 176 -33.27 -1.04 14.02
CA LYS C 176 -34.55 -0.60 14.58
C LYS C 176 -35.09 0.61 13.81
N ASN C 177 -34.20 1.53 13.42
CA ASN C 177 -34.66 2.68 12.66
C ASN C 177 -35.12 2.32 11.25
N LEU C 178 -34.82 1.11 10.78
CA LEU C 178 -35.26 0.64 9.48
C LEU C 178 -36.40 -0.37 9.57
N GLY C 179 -36.95 -0.61 10.77
CA GLY C 179 -38.14 -1.42 10.95
C GLY C 179 -37.91 -2.76 11.60
N TRP C 180 -36.66 -3.12 11.87
CA TRP C 180 -36.31 -4.43 12.40
C TRP C 180 -36.63 -4.54 13.88
N GLU C 181 -36.92 -5.76 14.32
CA GLU C 181 -37.12 -6.09 15.73
C GLU C 181 -36.37 -7.37 16.04
N ALA C 182 -35.91 -7.48 17.30
CA ALA C 182 -35.09 -8.62 17.69
C ALA C 182 -35.80 -9.95 17.41
N ALA C 183 -37.12 -9.99 17.53
CA ALA C 183 -37.87 -11.22 17.28
C ALA C 183 -37.81 -11.68 15.84
N ASP C 184 -37.40 -10.81 14.91
CA ASP C 184 -37.41 -11.17 13.49
C ASP C 184 -36.21 -12.00 13.08
N GLY C 185 -35.18 -12.08 13.93
CA GLY C 185 -33.96 -12.76 13.53
C GLY C 185 -33.23 -11.99 12.45
N ASP C 186 -32.29 -12.67 11.82
CA ASP C 186 -31.53 -12.09 10.72
C ASP C 186 -31.90 -12.75 9.39
N GLN D 1 -3.79 9.35 21.17
CA GLN D 1 -4.03 7.90 21.09
C GLN D 1 -2.84 7.16 20.48
N VAL D 2 -1.81 7.90 20.07
CA VAL D 2 -0.52 7.30 19.74
C VAL D 2 0.57 8.08 20.41
N GLN D 3 1.71 7.41 20.65
CA GLN D 3 2.91 8.02 21.18
C GLN D 3 4.05 7.74 20.21
N LEU D 4 4.89 8.74 19.95
CA LEU D 4 5.99 8.63 19.01
C LEU D 4 7.32 8.83 19.72
N GLN D 5 8.35 8.11 19.25
CA GLN D 5 9.68 8.13 19.86
C GLN D 5 10.72 7.95 18.75
N GLU D 6 11.52 8.99 18.49
CA GLU D 6 12.56 8.95 17.46
C GLU D 6 13.92 8.61 18.05
N SER D 7 14.83 8.25 17.15
CA SER D 7 16.22 8.00 17.51
C SER D 7 17.05 8.10 16.23
N GLY D 8 18.36 8.10 16.42
CA GLY D 8 19.31 8.13 15.32
C GLY D 8 19.85 9.52 15.07
N GLY D 9 20.74 9.61 14.10
CA GLY D 9 21.28 10.92 13.77
C GLY D 9 22.17 11.54 14.83
N GLY D 10 22.77 12.67 14.47
CA GLY D 10 23.85 13.25 15.24
C GLY D 10 24.73 14.09 14.33
N LEU D 11 26.04 13.93 14.43
CA LEU D 11 27.00 14.75 13.69
C LEU D 11 27.68 13.89 12.64
N VAL D 12 27.59 14.30 11.37
CA VAL D 12 28.32 13.67 10.27
C VAL D 12 28.88 14.73 9.33
N GLN D 13 29.84 14.30 8.52
CA GLN D 13 30.49 15.16 7.55
C GLN D 13 29.68 15.20 6.26
N ALA D 14 29.77 16.32 5.56
CA ALA D 14 29.05 16.49 4.29
C ALA D 14 29.32 15.30 3.36
N GLY D 15 28.28 14.90 2.64
CA GLY D 15 28.33 13.70 1.82
C GLY D 15 28.11 12.40 2.57
N GLY D 16 28.12 12.42 3.89
CA GLY D 16 27.87 11.23 4.69
C GLY D 16 26.39 10.85 4.71
N SER D 17 26.07 9.93 5.62
CA SER D 17 24.70 9.43 5.70
C SER D 17 24.30 9.19 7.16
N LEU D 18 22.99 9.29 7.40
CA LEU D 18 22.36 8.96 8.68
C LEU D 18 21.04 8.24 8.44
N ARG D 19 20.67 7.41 9.41
CA ARG D 19 19.42 6.65 9.40
C ARG D 19 18.64 6.98 10.67
N LEU D 20 17.48 7.59 10.50
CA LEU D 20 16.58 7.90 11.60
C LEU D 20 15.50 6.83 11.71
N SER D 21 15.01 6.62 12.93
CA SER D 21 13.99 5.64 13.25
C SER D 21 12.95 6.27 14.17
N CYS D 22 11.68 5.93 13.96
CA CYS D 22 10.60 6.38 14.82
C CYS D 22 9.70 5.20 15.13
N VAL D 23 9.39 4.99 16.41
CA VAL D 23 8.48 3.92 16.82
C VAL D 23 7.19 4.53 17.35
N ALA D 24 6.07 4.07 16.81
CA ALA D 24 4.74 4.46 17.28
C ALA D 24 4.17 3.38 18.20
N SER D 25 3.58 3.82 19.31
CA SER D 25 2.82 2.98 20.23
C SER D 25 1.36 3.43 20.21
N GLY D 26 0.46 2.50 20.56
CA GLY D 26 -0.94 2.86 20.71
C GLY D 26 -1.86 2.38 19.60
N ILE D 27 -2.77 3.24 19.15
CA ILE D 27 -3.78 2.86 18.16
C ILE D 27 -3.18 3.08 16.78
N ILE D 28 -2.46 2.08 16.27
CA ILE D 28 -1.65 2.26 15.06
C ILE D 28 -2.54 2.57 13.85
N GLU D 29 -3.70 1.93 13.76
CA GLU D 29 -4.58 2.15 12.61
C GLU D 29 -5.13 3.57 12.55
N SER D 30 -5.00 4.35 13.63
CA SER D 30 -5.45 5.73 13.54
C SER D 30 -4.49 6.60 12.74
N ILE D 31 -3.27 6.13 12.49
CA ILE D 31 -2.27 6.95 11.80
C ILE D 31 -2.61 6.94 10.31
N ASN D 32 -3.00 8.10 9.78
CA ASN D 32 -3.30 8.28 8.37
C ASN D 32 -2.06 8.61 7.55
N THR D 33 -1.20 9.47 8.07
CA THR D 33 0.07 9.82 7.46
C THR D 33 1.14 9.77 8.53
N PHE D 34 2.23 9.07 8.23
CA PHE D 34 3.35 8.84 9.14
C PHE D 34 4.56 9.50 8.51
N GLY D 35 5.25 10.39 9.24
CA GLY D 35 6.21 11.20 8.52
C GLY D 35 7.32 11.82 9.35
N TRP D 36 8.17 12.57 8.63
CA TRP D 36 9.33 13.25 9.15
C TRP D 36 9.28 14.72 8.75
N TYR D 37 9.46 15.61 9.72
CA TYR D 37 9.58 17.04 9.51
C TYR D 37 10.92 17.49 10.04
N ARG D 38 11.35 18.69 9.63
CA ARG D 38 12.59 19.25 10.16
C ARG D 38 12.44 20.76 10.34
N GLN D 39 13.22 21.29 11.29
CA GLN D 39 13.27 22.73 11.54
C GLN D 39 14.71 23.14 11.78
N ALA D 40 15.28 23.88 10.83
CA ALA D 40 16.62 24.45 10.84
C ALA D 40 16.64 25.79 11.55
N PRO D 41 17.82 26.27 11.95
CA PRO D 41 17.89 27.52 12.74
C PRO D 41 17.10 28.66 12.12
N GLY D 42 16.23 29.26 12.93
CA GLY D 42 15.46 30.42 12.52
C GLY D 42 14.68 30.25 11.23
N LYS D 43 14.22 29.02 10.97
CA LYS D 43 13.45 28.71 9.79
C LYS D 43 12.15 28.03 10.21
N GLN D 44 11.21 27.95 9.28
CA GLN D 44 9.93 27.32 9.55
C GLN D 44 10.03 25.80 9.43
N ARG D 45 9.29 25.09 10.28
CA ARG D 45 9.21 23.65 10.21
C ARG D 45 8.68 23.23 8.84
N GLU D 46 9.31 22.21 8.24
CA GLU D 46 9.01 21.82 6.87
C GLU D 46 8.92 20.30 6.76
N LEU D 47 7.98 19.84 5.93
CA LEU D 47 7.92 18.42 5.60
C LEU D 47 9.20 17.95 4.92
N VAL D 48 9.69 16.79 5.35
CA VAL D 48 10.83 16.13 4.72
C VAL D 48 10.32 14.96 3.87
N ALA D 49 9.61 14.04 4.51
CA ALA D 49 9.06 12.88 3.82
C ALA D 49 7.95 12.30 4.66
N ASP D 50 6.92 11.76 4.00
CA ASP D 50 5.88 11.05 4.73
C ASP D 50 5.36 9.90 3.89
N ILE D 51 4.56 9.05 4.54
CA ILE D 51 3.94 7.90 3.91
C ILE D 51 2.50 7.76 4.41
N SER D 52 1.58 7.50 3.48
CA SER D 52 0.17 7.34 3.80
C SER D 52 -0.12 5.93 4.28
N ARG D 53 -1.30 5.75 4.87
CA ARG D 53 -1.69 4.41 5.29
C ARG D 53 -1.74 3.44 4.10
N TRP D 54 -1.86 3.96 2.88
CA TRP D 54 -1.92 3.11 1.69
C TRP D 54 -0.56 2.97 0.99
N GLY D 55 0.51 3.48 1.60
CA GLY D 55 1.85 3.28 1.07
C GLY D 55 2.36 4.41 0.19
N SER D 56 1.55 5.43 -0.05
CA SER D 56 1.94 6.52 -0.91
C SER D 56 2.92 7.46 -0.21
N THR D 57 4.07 7.70 -0.82
CA THR D 57 5.08 8.55 -0.21
C THR D 57 5.11 9.93 -0.86
N ASN D 58 5.54 10.90 -0.07
CA ASN D 58 5.81 12.27 -0.52
C ASN D 58 7.17 12.68 0.00
N TYR D 59 7.91 13.41 -0.83
CA TYR D 59 9.21 13.94 -0.45
C TYR D 59 9.24 15.42 -0.78
N ALA D 60 9.95 16.18 0.06
CA ALA D 60 10.31 17.53 -0.32
C ALA D 60 11.22 17.48 -1.54
N ASP D 61 11.07 18.47 -2.44
CA ASP D 61 11.92 18.50 -3.63
C ASP D 61 13.40 18.50 -3.27
N SER D 62 13.78 19.20 -2.20
CA SER D 62 15.17 19.34 -1.85
C SER D 62 15.82 18.06 -1.32
N VAL D 63 15.03 17.02 -1.05
CA VAL D 63 15.57 15.76 -0.54
C VAL D 63 15.21 14.57 -1.40
N ARG D 64 14.37 14.74 -2.42
CA ARG D 64 14.04 13.63 -3.31
C ARG D 64 15.31 13.01 -3.87
N ASP D 65 15.31 11.68 -3.96
CA ASP D 65 16.43 10.88 -4.47
C ASP D 65 17.63 10.84 -3.53
N ARG D 66 17.69 11.73 -2.55
CA ARG D 66 18.72 11.60 -1.53
C ARG D 66 18.23 10.90 -0.28
N PHE D 67 16.97 11.13 0.09
CA PHE D 67 16.36 10.50 1.26
C PHE D 67 15.35 9.46 0.83
N THR D 68 15.19 8.42 1.65
CA THR D 68 14.16 7.40 1.43
C THR D 68 13.45 7.09 2.73
N ILE D 69 12.12 7.13 2.70
CA ILE D 69 11.30 6.78 3.86
C ILE D 69 10.81 5.35 3.68
N SER D 70 10.71 4.62 4.79
CA SER D 70 10.14 3.27 4.71
C SER D 70 9.46 2.96 6.02
N ARG D 71 8.58 1.96 5.97
CA ARG D 71 7.76 1.58 7.11
C ARG D 71 7.82 0.07 7.25
N ASP D 72 8.04 -0.41 8.48
CA ASP D 72 8.19 -1.84 8.66
C ASP D 72 6.85 -2.56 8.49
N ASN D 73 6.92 -3.90 8.42
CA ASN D 73 5.71 -4.68 8.19
C ASN D 73 4.71 -4.49 9.33
N ALA D 74 5.21 -4.41 10.58
CA ALA D 74 4.35 -4.17 11.74
C ALA D 74 3.59 -2.85 11.66
N LYS D 75 4.00 -1.95 10.76
CA LYS D 75 3.48 -0.59 10.61
C LYS D 75 3.81 0.31 11.80
N THR D 76 4.59 -0.17 12.77
CA THR D 76 4.88 0.61 13.96
C THR D 76 6.18 1.38 13.87
N THR D 77 7.06 1.07 12.94
CA THR D 77 8.36 1.72 12.87
C THR D 77 8.56 2.38 11.51
N LEU D 78 8.97 3.64 11.56
CA LEU D 78 9.23 4.46 10.39
C LEU D 78 10.73 4.75 10.31
N TYR D 79 11.30 4.65 9.12
CA TYR D 79 12.71 4.92 8.90
C TYR D 79 12.89 6.07 7.93
N LEU D 80 13.95 6.86 8.14
CA LEU D 80 14.39 7.83 7.15
C LEU D 80 15.87 7.58 6.88
N GLN D 81 16.18 7.10 5.67
CA GLN D 81 17.56 6.90 5.25
C GLN D 81 18.01 8.16 4.53
N MET D 82 18.96 8.88 5.10
CA MET D 82 19.46 10.15 4.58
C MET D 82 20.84 9.94 3.99
N ASN D 83 20.94 9.98 2.66
CA ASN D 83 22.22 9.84 1.99
C ASN D 83 22.64 11.19 1.39
N SER D 84 23.93 11.30 1.08
CA SER D 84 24.49 12.48 0.43
C SER D 84 24.09 13.77 1.15
N LEU D 85 24.32 13.80 2.46
CA LEU D 85 23.90 14.93 3.27
C LEU D 85 24.68 16.20 2.93
N LYS D 86 24.05 17.34 3.18
CA LYS D 86 24.59 18.66 2.92
C LYS D 86 24.39 19.53 4.16
N PRO D 87 25.16 20.62 4.29
CA PRO D 87 24.96 21.51 5.44
C PRO D 87 23.55 22.06 5.55
N GLU D 88 22.87 22.29 4.43
CA GLU D 88 21.50 22.78 4.49
C GLU D 88 20.53 21.75 5.05
N ASP D 89 20.96 20.48 5.19
CA ASP D 89 20.17 19.46 5.86
C ASP D 89 20.27 19.53 7.38
N THR D 90 21.16 20.36 7.93
CA THR D 90 21.23 20.54 9.37
C THR D 90 19.92 21.09 9.91
N ALA D 91 19.36 20.43 10.92
CA ALA D 91 18.07 20.80 11.51
C ALA D 91 17.75 19.80 12.63
N VAL D 92 16.73 20.14 13.41
CA VAL D 92 16.09 19.16 14.28
C VAL D 92 15.05 18.41 13.46
N TYR D 93 15.11 17.09 13.48
CA TYR D 93 14.18 16.25 12.74
C TYR D 93 13.14 15.67 13.69
N TYR D 94 11.87 15.78 13.31
CA TYR D 94 10.74 15.36 14.14
C TYR D 94 9.93 14.27 13.44
N CYS D 95 9.66 13.18 14.16
CA CYS D 95 8.67 12.22 13.71
C CYS D 95 7.28 12.81 13.94
N HIS D 96 6.35 12.44 13.07
CA HIS D 96 5.01 13.04 13.07
C HIS D 96 3.98 11.99 12.67
N ALA D 97 2.79 12.07 13.27
CA ALA D 97 1.66 11.27 12.82
C ALA D 97 0.43 12.16 12.72
N GLU D 98 -0.28 12.05 11.60
CA GLU D 98 -1.57 12.70 11.39
C GLU D 98 -2.68 11.68 11.54
N THR D 99 -3.65 11.97 12.40
CA THR D 99 -4.91 11.23 12.44
C THR D 99 -6.00 12.14 11.88
N ILE D 100 -7.04 11.53 11.31
CA ILE D 100 -8.17 12.30 10.77
C ILE D 100 -9.49 11.77 11.31
N GLY D 101 -10.23 12.63 12.01
CA GLY D 101 -11.59 12.26 12.41
C GLY D 101 -12.53 12.53 11.25
N TYR D 102 -13.52 11.63 11.08
CA TYR D 102 -14.44 11.78 9.96
C TYR D 102 -15.08 13.16 9.95
N GLU D 103 -15.57 13.62 11.11
CA GLU D 103 -16.22 14.93 11.22
C GLU D 103 -15.31 15.99 11.80
N SER D 104 -14.19 15.63 12.42
CA SER D 104 -13.34 16.61 13.09
C SER D 104 -12.07 16.95 12.33
N GLY D 105 -11.65 16.14 11.37
CA GLY D 105 -10.44 16.46 10.62
C GLY D 105 -9.15 16.09 11.35
N ALA D 106 -8.09 16.80 10.97
CA ALA D 106 -6.74 16.37 11.31
C ALA D 106 -6.35 16.71 12.74
N HIS D 107 -5.58 15.80 13.35
CA HIS D 107 -4.90 16.04 14.61
C HIS D 107 -3.44 15.60 14.44
N ASP D 108 -2.55 16.31 15.11
CA ASP D 108 -1.10 16.13 14.95
C ASP D 108 -0.51 15.48 16.20
N TYR D 109 0.33 14.46 16.01
CA TYR D 109 1.15 13.91 17.09
C TYR D 109 2.62 14.05 16.70
N TRP D 110 3.47 14.40 17.67
CA TRP D 110 4.88 14.65 17.39
C TRP D 110 5.78 13.82 18.30
N GLY D 111 6.96 13.50 17.78
CA GLY D 111 8.05 12.98 18.58
C GLY D 111 8.72 14.11 19.35
N GLN D 112 9.91 13.83 19.86
CA GLN D 112 10.65 14.81 20.66
C GLN D 112 11.68 15.57 19.85
N GLY D 113 11.98 15.14 18.64
CA GLY D 113 13.03 15.76 17.86
C GLY D 113 14.37 15.08 18.06
N THR D 114 15.16 15.00 16.99
CA THR D 114 16.53 14.50 17.05
C THR D 114 17.42 15.38 16.19
N GLN D 115 18.59 15.74 16.72
CA GLN D 115 19.48 16.71 16.07
C GLN D 115 20.29 16.05 14.96
N VAL D 116 20.32 16.71 13.81
CA VAL D 116 21.15 16.30 12.67
C VAL D 116 22.01 17.49 12.29
N THR D 117 23.33 17.36 12.43
CA THR D 117 24.25 18.42 12.08
C THR D 117 25.23 17.90 11.04
N VAL D 118 25.21 18.52 9.87
CA VAL D 118 26.06 18.11 8.75
C VAL D 118 27.15 19.17 8.61
N SER D 119 28.34 18.86 9.11
CA SER D 119 29.45 19.80 9.01
C SER D 119 29.93 19.90 7.58
N SER D 120 30.18 21.13 7.14
CA SER D 120 30.65 21.39 5.78
C SER D 120 32.08 20.88 5.60
ZN ZN E . 13.22 -19.30 -8.02
ZN ZN F . -18.21 10.23 13.09
#